data_4KFG
#
_entry.id   4KFG
#
_cell.length_a   47.894
_cell.length_b   82.477
_cell.length_c   53.740
_cell.angle_alpha   90.00
_cell.angle_beta   100.16
_cell.angle_gamma   90.00
#
_symmetry.space_group_name_H-M   'P 1 21 1'
#
loop_
_entity.id
_entity.type
_entity.pdbx_description
1 polymer 'DNA gyrase subunit B'
2 non-polymer 'SULFATE ION'
3 non-polymer 6-fluoro-4-[(3aR,6aR)-hexahydropyrrolo[3,4-b]pyrrol-5(1H)-yl]-N-methyl-2-[(2-methylpyrimidin-5-yl)oxy]-9H-pyrimido[4,5-b]indol-8-amine
4 water water
#
_entity_poly.entity_id   1
_entity_poly.type   'polypeptide(L)'
_entity_poly.pdbx_seq_one_letter_code
;MGLDAVRKRPGMYIGDTDDGTGLHHMVFEVVDNAIDEALAGHCKEIIVTIHADNSVSVQDDGRGIPTGIHPEEGVSAAEV
IMTVLHAGGKFDDNSYKVSGGLHGVGVSVVNALSQKLELVIQREGKIHRQIYEHGVPQAPLAVTGETEKTGTMVRFWPSL
ETFTNVTEFEYEILAKRLRELSFLNSGVSIRLRDKRDGKEDHFHYEGLEHHHHHH
;
_entity_poly.pdbx_strand_id   A,B
#
loop_
_chem_comp.id
_chem_comp.type
_chem_comp.name
_chem_comp.formula
DOO non-polymer 6-fluoro-4-[(3aR,6aR)-hexahydropyrrolo[3,4-b]pyrrol-5(1H)-yl]-N-methyl-2-[(2-methylpyrimidin-5-yl)oxy]-9H-pyrimido[4,5-b]indol-8-amine 'C22 H23 F N8 O'
SO4 non-polymer 'SULFATE ION' 'O4 S -2'
#
# COMPACT_ATOMS: atom_id res chain seq x y z
N GLY A 2 -1.15 12.88 -7.49
CA GLY A 2 -0.66 12.87 -8.89
C GLY A 2 -1.03 11.54 -9.54
N LEU A 3 -2.20 11.52 -10.19
CA LEU A 3 -2.67 10.32 -10.86
C LEU A 3 -1.85 10.03 -12.09
N ASP A 4 -1.29 11.06 -12.70
CA ASP A 4 -0.37 10.85 -13.81
C ASP A 4 0.82 9.98 -13.36
N ALA A 5 1.29 10.18 -12.13
CA ALA A 5 2.40 9.37 -11.60
C ALA A 5 2.01 7.88 -11.52
N VAL A 6 0.75 7.64 -11.18
CA VAL A 6 0.21 6.28 -11.03
C VAL A 6 0.15 5.58 -12.39
N ARG A 7 -0.39 6.28 -13.40
CA ARG A 7 -0.39 5.78 -14.80
C ARG A 7 1.02 5.54 -15.33
N LYS A 8 1.91 6.48 -15.03
CA LYS A 8 3.27 6.39 -15.56
C LYS A 8 4.04 5.20 -15.00
N ARG A 9 3.92 4.96 -13.70
CA ARG A 9 4.61 3.88 -13.01
C ARG A 9 3.66 3.12 -12.07
N PRO A 10 2.78 2.27 -12.63
CA PRO A 10 1.73 1.65 -11.80
C PRO A 10 2.19 0.58 -10.80
N GLY A 11 3.39 0.01 -11.02
CA GLY A 11 3.90 -1.08 -10.19
C GLY A 11 3.85 -0.86 -8.70
N MET A 12 4.27 0.33 -8.27
CA MET A 12 4.33 0.65 -6.85
C MET A 12 2.93 0.70 -6.25
N TYR A 13 1.95 1.06 -7.10
CA TYR A 13 0.59 1.32 -6.63
C TYR A 13 -0.32 0.12 -6.73
N ILE A 14 -0.21 -0.64 -7.82
CA ILE A 14 -1.16 -1.72 -8.10
C ILE A 14 -0.51 -3.08 -8.39
N GLY A 15 0.80 -3.10 -8.59
CA GLY A 15 1.47 -4.36 -8.85
C GLY A 15 1.73 -4.59 -10.32
N ASP A 16 1.86 -5.86 -10.66
CA ASP A 16 2.25 -6.30 -11.99
C ASP A 16 1.05 -6.12 -12.92
N THR A 17 1.23 -5.35 -13.99
CA THR A 17 0.12 -5.01 -14.91
C THR A 17 0.05 -5.95 -16.12
N ASP A 18 0.92 -6.96 -16.16
CA ASP A 18 1.01 -7.81 -17.35
C ASP A 18 0.70 -9.29 -17.10
N ASP A 19 0.29 -9.63 -15.88
CA ASP A 19 0.05 -11.02 -15.52
C ASP A 19 -1.27 -11.23 -14.79
N GLY A 20 -2.14 -10.21 -14.84
CA GLY A 20 -3.44 -10.27 -14.19
C GLY A 20 -3.49 -10.00 -12.70
N THR A 21 -2.32 -9.96 -12.04
CA THR A 21 -2.33 -9.77 -10.58
C THR A 21 -2.77 -8.33 -10.25
N GLY A 22 -2.14 -7.34 -10.90
CA GLY A 22 -2.53 -5.94 -10.78
C GLY A 22 -4.01 -5.72 -11.09
N LEU A 23 -4.47 -6.31 -12.19
CA LEU A 23 -5.87 -6.20 -12.60
C LEU A 23 -6.82 -6.59 -11.48
N HIS A 24 -6.51 -7.71 -10.81
CA HIS A 24 -7.38 -8.17 -9.74
C HIS A 24 -7.22 -7.38 -8.47
N HIS A 25 -6.02 -6.89 -8.24
CA HIS A 25 -5.82 -5.93 -7.13
C HIS A 25 -6.73 -4.75 -7.26
N MET A 26 -7.02 -4.33 -8.51
CA MET A 26 -7.95 -3.22 -8.72
C MET A 26 -9.30 -3.52 -8.05
N VAL A 27 -9.84 -4.71 -8.26
CA VAL A 27 -11.10 -5.11 -7.60
C VAL A 27 -10.94 -5.12 -6.09
N PHE A 28 -9.83 -5.70 -5.61
CA PHE A 28 -9.70 -5.84 -4.17
C PHE A 28 -9.59 -4.50 -3.48
N GLU A 29 -9.00 -3.51 -4.15
CA GLU A 29 -8.90 -2.18 -3.57
C GLU A 29 -10.28 -1.59 -3.36
N VAL A 30 -11.14 -1.77 -4.36
CA VAL A 30 -12.48 -1.22 -4.24
C VAL A 30 -13.22 -1.96 -3.12
N VAL A 31 -13.11 -3.27 -3.11
CA VAL A 31 -13.74 -4.08 -2.07
C VAL A 31 -13.26 -3.65 -0.70
N ASP A 32 -11.97 -3.31 -0.58
CA ASP A 32 -11.43 -2.86 0.73
C ASP A 32 -12.20 -1.67 1.25
N ASN A 33 -12.55 -0.75 0.35
CA ASN A 33 -13.35 0.41 0.76
C ASN A 33 -14.73 0.01 1.28
N ALA A 34 -15.36 -0.96 0.61
CA ALA A 34 -16.63 -1.49 1.13
C ALA A 34 -16.47 -2.18 2.48
N ILE A 35 -15.38 -2.93 2.64
N ILE A 35 -15.38 -2.93 2.64
CA ILE A 35 -15.12 -3.62 3.91
CA ILE A 35 -15.12 -3.62 3.91
C ILE A 35 -14.86 -2.63 5.03
C ILE A 35 -14.86 -2.63 5.03
N ASP A 36 -14.18 -1.53 4.71
CA ASP A 36 -13.95 -0.45 5.68
C ASP A 36 -15.29 0.06 6.25
N GLU A 37 -16.23 0.28 5.34
CA GLU A 37 -17.57 0.73 5.73
C GLU A 37 -18.32 -0.32 6.56
N ALA A 38 -18.07 -1.61 6.31
CA ALA A 38 -18.56 -2.69 7.18
C ALA A 38 -17.91 -2.73 8.56
N LEU A 39 -16.59 -2.62 8.61
CA LEU A 39 -15.88 -2.51 9.88
C LEU A 39 -16.35 -1.31 10.70
N ALA A 40 -16.76 -0.23 10.01
CA ALA A 40 -17.32 0.97 10.66
C ALA A 40 -18.72 0.75 11.24
N GLY A 41 -19.29 -0.41 10.94
CA GLY A 41 -20.59 -0.82 11.49
C GLY A 41 -21.80 -0.35 10.70
N HIS A 42 -21.62 -0.02 9.44
CA HIS A 42 -22.71 0.56 8.62
C HIS A 42 -23.10 -0.29 7.45
N CYS A 43 -22.12 -0.99 6.89
CA CYS A 43 -22.38 -1.88 5.77
C CYS A 43 -22.54 -3.33 6.26
N LYS A 44 -23.61 -3.99 5.82
CA LYS A 44 -23.86 -5.39 6.15
C LYS A 44 -23.56 -6.31 4.97
N GLU A 45 -23.74 -5.79 3.76
CA GLU A 45 -23.73 -6.62 2.55
C GLU A 45 -22.90 -5.93 1.49
N ILE A 46 -22.00 -6.70 0.86
CA ILE A 46 -21.26 -6.22 -0.32
C ILE A 46 -21.55 -7.13 -1.49
N ILE A 47 -21.77 -6.53 -2.66
CA ILE A 47 -22.05 -7.33 -3.84
C ILE A 47 -20.98 -7.00 -4.88
N VAL A 48 -20.20 -8.01 -5.27
CA VAL A 48 -19.20 -7.85 -6.32
C VAL A 48 -19.69 -8.55 -7.58
N THR A 49 -19.80 -7.81 -8.69
CA THR A 49 -20.36 -8.38 -9.91
C THR A 49 -19.38 -8.28 -11.06
N ILE A 50 -19.13 -9.44 -11.71
CA ILE A 50 -18.42 -9.49 -12.98
C ILE A 50 -19.48 -9.33 -14.05
N HIS A 51 -19.43 -8.20 -14.75
CA HIS A 51 -20.33 -7.94 -15.89
C HIS A 51 -19.73 -8.44 -17.17
N ALA A 52 -20.57 -8.51 -18.21
CA ALA A 52 -20.12 -9.01 -19.51
C ALA A 52 -19.49 -7.94 -20.41
N ASP A 53 -19.20 -6.77 -19.84
CA ASP A 53 -18.71 -5.63 -20.60
C ASP A 53 -17.33 -5.21 -20.12
N ASN A 54 -16.62 -6.16 -19.51
CA ASN A 54 -15.25 -5.96 -19.02
CA ASN A 54 -15.25 -5.97 -19.00
C ASN A 54 -15.20 -5.04 -17.80
N SER A 55 -16.30 -4.97 -17.07
CA SER A 55 -16.35 -4.19 -15.83
C SER A 55 -16.65 -5.07 -14.64
N VAL A 56 -16.22 -4.60 -13.47
CA VAL A 56 -16.63 -5.16 -12.20
C VAL A 56 -17.27 -4.04 -11.41
N SER A 57 -18.41 -4.33 -10.81
CA SER A 57 -18.99 -3.41 -9.85
C SER A 57 -18.87 -3.96 -8.44
N VAL A 58 -18.75 -3.04 -7.49
CA VAL A 58 -18.77 -3.37 -6.07
C VAL A 58 -19.80 -2.45 -5.47
N GLN A 59 -20.82 -3.04 -4.84
CA GLN A 59 -21.88 -2.28 -4.20
C GLN A 59 -21.88 -2.57 -2.71
N ASP A 60 -22.02 -1.54 -1.89
CA ASP A 60 -22.30 -1.75 -0.47
C ASP A 60 -23.58 -1.06 -0.06
N ASP A 61 -24.03 -1.40 1.15
CA ASP A 61 -25.25 -0.83 1.69
C ASP A 61 -24.93 0.01 2.95
N GLY A 62 -23.77 0.66 2.89
CA GLY A 62 -23.29 1.51 3.97
C GLY A 62 -23.86 2.92 3.82
N ARG A 63 -23.16 3.89 4.40
CA ARG A 63 -23.71 5.25 4.51
C ARG A 63 -23.81 6.03 3.19
N GLY A 64 -23.02 5.61 2.22
CA GLY A 64 -22.79 6.36 0.99
C GLY A 64 -21.71 7.42 1.18
N ILE A 65 -20.78 7.53 0.23
CA ILE A 65 -19.75 8.56 0.33
C ILE A 65 -20.42 9.94 0.33
N PRO A 66 -20.00 10.85 1.23
CA PRO A 66 -20.61 12.17 1.23
C PRO A 66 -20.54 12.90 -0.12
N THR A 67 -21.61 13.62 -0.45
CA THR A 67 -21.77 14.23 -1.78
C THR A 67 -21.77 15.77 -1.79
N GLY A 68 -21.76 16.40 -0.60
CA GLY A 68 -21.88 17.85 -0.53
C GLY A 68 -20.70 18.58 -1.14
N ILE A 69 -20.99 19.76 -1.71
CA ILE A 69 -20.05 20.66 -2.40
C ILE A 69 -19.71 20.18 -3.81
N VAL A 75 -15.92 21.05 -5.50
CA VAL A 75 -16.31 19.69 -5.88
C VAL A 75 -16.80 18.90 -4.67
N SER A 76 -17.58 17.86 -4.93
CA SER A 76 -18.08 16.98 -3.88
C SER A 76 -16.93 16.25 -3.18
N ALA A 77 -17.14 15.93 -1.90
CA ALA A 77 -16.25 15.09 -1.13
C ALA A 77 -15.96 13.78 -1.87
N ALA A 78 -17.01 13.23 -2.50
CA ALA A 78 -16.91 12.00 -3.30
C ALA A 78 -15.88 12.13 -4.43
N GLU A 79 -15.97 13.24 -5.17
CA GLU A 79 -15.02 13.50 -6.26
C GLU A 79 -13.57 13.55 -5.77
N VAL A 80 -13.32 14.19 -4.62
CA VAL A 80 -11.96 14.27 -4.08
C VAL A 80 -11.42 12.86 -3.81
N ILE A 81 -12.23 12.02 -3.16
CA ILE A 81 -11.83 10.64 -2.88
C ILE A 81 -11.44 9.92 -4.17
N MET A 82 -12.23 10.11 -5.22
CA MET A 82 -12.02 9.39 -6.48
CA MET A 82 -12.02 9.40 -6.48
C MET A 82 -10.84 9.91 -7.29
N THR A 83 -10.47 11.17 -7.09
CA THR A 83 -9.52 11.82 -8.00
C THR A 83 -8.22 12.29 -7.37
N VAL A 84 -8.14 12.26 -6.04
CA VAL A 84 -6.95 12.73 -5.35
C VAL A 84 -6.20 11.59 -4.69
N LEU A 85 -4.92 11.49 -5.06
CA LEU A 85 -4.01 10.55 -4.45
C LEU A 85 -3.71 10.99 -3.01
N LYS A 97 -6.95 -0.68 8.51
CA LYS A 97 -7.72 -1.51 9.41
C LYS A 97 -8.41 -2.70 8.72
N VAL A 98 -8.45 -2.72 7.38
CA VAL A 98 -8.98 -3.89 6.68
C VAL A 98 -7.89 -4.97 6.68
N SER A 99 -8.18 -6.11 7.28
CA SER A 99 -7.26 -7.23 7.32
C SER A 99 -7.12 -7.80 5.93
N GLY A 100 -5.89 -7.86 5.44
CA GLY A 100 -5.67 -8.25 4.05
C GLY A 100 -5.90 -7.12 3.07
N GLY A 101 -6.18 -5.93 3.58
CA GLY A 101 -6.35 -4.75 2.74
C GLY A 101 -5.09 -4.31 2.04
N LEU A 102 -5.25 -3.60 0.93
CA LEU A 102 -4.11 -3.08 0.20
C LEU A 102 -3.68 -1.76 0.81
N HIS A 103 -2.73 -1.84 1.73
CA HIS A 103 -2.35 -0.69 2.53
C HIS A 103 -1.55 0.32 1.81
N GLY A 104 -2.00 1.57 1.89
CA GLY A 104 -1.29 2.69 1.27
C GLY A 104 -1.85 3.10 -0.06
N VAL A 105 -2.83 2.35 -0.55
CA VAL A 105 -3.50 2.80 -1.74
C VAL A 105 -4.98 2.99 -1.52
N GLY A 106 -5.51 3.92 -2.28
CA GLY A 106 -6.92 4.28 -2.21
C GLY A 106 -7.54 4.10 -3.57
N VAL A 107 -8.85 4.33 -3.63
CA VAL A 107 -9.63 4.07 -4.83
C VAL A 107 -9.24 5.02 -5.96
N SER A 108 -8.64 6.16 -5.64
CA SER A 108 -8.15 7.04 -6.69
C SER A 108 -7.10 6.37 -7.57
N VAL A 109 -6.36 5.41 -7.02
CA VAL A 109 -5.44 4.58 -7.83
C VAL A 109 -6.23 3.75 -8.84
N VAL A 110 -7.31 3.12 -8.39
CA VAL A 110 -8.20 2.34 -9.30
C VAL A 110 -8.74 3.26 -10.39
N ASN A 111 -9.19 4.43 -9.97
CA ASN A 111 -9.71 5.41 -10.92
C ASN A 111 -8.66 5.81 -11.96
N ALA A 112 -7.44 6.09 -11.50
CA ALA A 112 -6.36 6.49 -12.38
C ALA A 112 -6.11 5.45 -13.49
N LEU A 113 -6.28 4.17 -13.16
CA LEU A 113 -5.91 3.08 -14.04
C LEU A 113 -7.14 2.45 -14.71
N SER A 114 -8.26 3.16 -14.65
CA SER A 114 -9.50 2.71 -15.28
C SER A 114 -9.81 3.54 -16.52
N GLN A 115 -10.12 2.87 -17.63
CA GLN A 115 -10.66 3.56 -18.80
C GLN A 115 -11.92 4.36 -18.45
N LYS A 116 -12.80 3.71 -17.69
CA LYS A 116 -14.03 4.34 -17.21
C LYS A 116 -14.24 3.88 -15.80
N LEU A 117 -14.72 4.80 -14.97
CA LEU A 117 -15.15 4.40 -13.63
C LEU A 117 -16.46 5.12 -13.36
N GLU A 118 -17.39 4.40 -12.75
CA GLU A 118 -18.69 4.94 -12.39
C GLU A 118 -18.88 4.85 -10.90
N LEU A 119 -19.25 5.99 -10.31
CA LEU A 119 -19.61 6.05 -8.90
C LEU A 119 -21.09 6.37 -8.78
N VAL A 120 -21.83 5.55 -8.04
CA VAL A 120 -23.25 5.82 -7.80
C VAL A 120 -23.43 5.75 -6.30
N ILE A 121 -23.93 6.85 -5.73
CA ILE A 121 -24.11 6.94 -4.29
C ILE A 121 -25.59 7.09 -3.95
N GLN A 122 -26.05 6.30 -2.99
CA GLN A 122 -27.42 6.43 -2.45
C GLN A 122 -27.25 7.02 -1.08
N ARG A 123 -27.75 8.23 -0.87
CA ARG A 123 -27.51 8.92 0.40
C ARG A 123 -28.51 10.06 0.56
N GLU A 124 -29.07 10.20 1.77
CA GLU A 124 -29.92 11.34 2.08
C GLU A 124 -31.08 11.47 1.10
N GLY A 125 -31.55 10.30 0.66
CA GLY A 125 -32.76 10.20 -0.14
C GLY A 125 -32.57 10.37 -1.63
N LYS A 126 -31.33 10.61 -2.07
CA LYS A 126 -31.05 10.80 -3.48
C LYS A 126 -30.01 9.84 -3.98
N ILE A 127 -30.10 9.60 -5.29
CA ILE A 127 -29.05 8.87 -6.01
C ILE A 127 -28.20 9.89 -6.73
N HIS A 128 -26.88 9.79 -6.56
CA HIS A 128 -25.90 10.70 -7.16
C HIS A 128 -24.97 9.86 -7.99
N ARG A 129 -24.55 10.38 -9.13
CA ARG A 129 -23.66 9.64 -10.04
C ARG A 129 -22.58 10.55 -10.60
N GLN A 130 -21.36 10.02 -10.69
CA GLN A 130 -20.28 10.67 -11.45
C GLN A 130 -19.52 9.57 -12.18
N ILE A 131 -19.13 9.89 -13.42
CA ILE A 131 -18.35 9.03 -14.30
C ILE A 131 -16.99 9.68 -14.48
N TYR A 132 -15.97 8.86 -14.65
CA TYR A 132 -14.59 9.34 -14.90
C TYR A 132 -14.04 8.59 -16.08
N GLU A 133 -13.10 9.21 -16.78
CA GLU A 133 -12.31 8.53 -17.80
C GLU A 133 -10.85 8.74 -17.44
N HIS A 134 -10.12 7.63 -17.26
CA HIS A 134 -8.72 7.71 -16.84
C HIS A 134 -8.54 8.61 -15.64
N GLY A 135 -9.51 8.55 -14.74
CA GLY A 135 -9.47 9.24 -13.45
C GLY A 135 -9.88 10.70 -13.49
N VAL A 136 -10.30 11.17 -14.67
CA VAL A 136 -10.74 12.56 -14.84
C VAL A 136 -12.27 12.54 -14.96
N PRO A 137 -12.96 13.41 -14.20
CA PRO A 137 -14.43 13.33 -14.24
C PRO A 137 -15.01 13.69 -15.62
N GLN A 138 -16.12 13.07 -15.99
CA GLN A 138 -16.79 13.43 -17.24
C GLN A 138 -17.71 14.65 -17.04
N ALA A 139 -18.29 14.77 -15.85
CA ALA A 139 -19.20 15.82 -15.50
C ALA A 139 -19.23 15.99 -13.99
N PRO A 140 -19.75 17.12 -13.50
CA PRO A 140 -19.92 17.25 -12.07
C PRO A 140 -20.86 16.17 -11.53
N LEU A 141 -20.68 15.75 -10.29
CA LEU A 141 -21.60 14.81 -9.65
C LEU A 141 -23.03 15.34 -9.84
N ALA A 142 -23.95 14.44 -10.20
CA ALA A 142 -25.32 14.83 -10.52
C ALA A 142 -26.34 13.90 -9.83
N VAL A 143 -27.51 14.45 -9.53
CA VAL A 143 -28.59 13.64 -9.00
C VAL A 143 -29.20 12.84 -10.15
N THR A 144 -29.41 11.55 -9.91
CA THR A 144 -29.98 10.68 -10.93
C THR A 144 -31.17 9.85 -10.44
N GLY A 145 -31.72 10.17 -9.28
CA GLY A 145 -32.84 9.38 -8.78
C GLY A 145 -33.11 9.69 -7.33
N GLU A 146 -34.13 9.03 -6.80
CA GLU A 146 -34.44 9.12 -5.38
C GLU A 146 -34.44 7.72 -4.83
N THR A 147 -34.13 7.60 -3.55
CA THR A 147 -34.02 6.30 -2.92
C THR A 147 -34.18 6.44 -1.43
N GLU A 148 -34.68 5.37 -0.80
CA GLU A 148 -34.78 5.21 0.64
C GLU A 148 -33.55 4.43 1.13
N LYS A 149 -32.77 3.88 0.21
CA LYS A 149 -31.62 3.07 0.55
C LYS A 149 -30.37 3.91 0.67
N THR A 150 -29.32 3.33 1.24
CA THR A 150 -28.03 4.01 1.30
C THR A 150 -26.93 3.07 0.84
N GLY A 151 -25.85 3.67 0.36
CA GLY A 151 -24.66 2.91 -0.02
C GLY A 151 -23.88 3.49 -1.18
N THR A 152 -22.81 2.77 -1.51
CA THR A 152 -21.87 3.22 -2.53
C THR A 152 -21.66 2.09 -3.51
N MET A 153 -21.66 2.46 -4.78
CA MET A 153 -21.39 1.52 -5.86
C MET A 153 -20.28 2.11 -6.69
N VAL A 154 -19.19 1.35 -6.85
CA VAL A 154 -18.16 1.69 -7.82
C VAL A 154 -18.08 0.58 -8.86
N ARG A 155 -18.15 0.99 -10.13
CA ARG A 155 -18.05 0.07 -11.25
C ARG A 155 -16.92 0.58 -12.13
N PHE A 156 -16.01 -0.29 -12.54
CA PHE A 156 -14.90 0.18 -13.32
C PHE A 156 -14.52 -0.77 -14.43
N TRP A 157 -13.93 -0.15 -15.45
CA TRP A 157 -13.46 -0.80 -16.68
C TRP A 157 -12.00 -0.51 -16.76
N PRO A 158 -11.15 -1.55 -16.69
CA PRO A 158 -9.70 -1.32 -16.59
C PRO A 158 -9.10 -0.68 -17.85
N SER A 159 -8.07 0.16 -17.67
CA SER A 159 -7.41 0.77 -18.83
C SER A 159 -6.52 -0.23 -19.57
N LEU A 160 -6.76 -0.38 -20.86
CA LEU A 160 -5.97 -1.28 -21.69
C LEU A 160 -4.62 -0.64 -22.06
N GLU A 161 -4.46 0.65 -21.75
CA GLU A 161 -3.15 1.30 -21.85
C GLU A 161 -2.25 0.90 -20.67
N THR A 162 -2.84 0.43 -19.58
CA THR A 162 -2.10 -0.01 -18.42
C THR A 162 -1.96 -1.53 -18.35
N PHE A 163 -3.08 -2.24 -18.46
CA PHE A 163 -3.10 -3.69 -18.26
C PHE A 163 -3.01 -4.42 -19.58
N THR A 164 -2.18 -5.45 -19.57
CA THR A 164 -1.92 -6.28 -20.74
C THR A 164 -2.00 -7.77 -20.39
N ASN A 165 -2.25 -8.59 -21.42
CA ASN A 165 -2.27 -10.05 -21.35
C ASN A 165 -3.49 -10.65 -20.67
N VAL A 166 -3.68 -10.31 -19.39
CA VAL A 166 -4.90 -10.65 -18.68
C VAL A 166 -5.59 -9.32 -18.45
N THR A 167 -6.64 -9.06 -19.22
CA THR A 167 -7.34 -7.78 -19.13
C THR A 167 -8.82 -7.98 -18.79
N GLU A 168 -9.17 -9.24 -18.50
CA GLU A 168 -10.52 -9.61 -18.07
C GLU A 168 -10.45 -10.22 -16.68
N PHE A 169 -11.46 -9.90 -15.87
CA PHE A 169 -11.59 -10.42 -14.52
C PHE A 169 -11.99 -11.87 -14.55
N GLU A 170 -11.35 -12.63 -13.69
CA GLU A 170 -11.53 -14.07 -13.64
C GLU A 170 -12.17 -14.47 -12.31
N TYR A 171 -13.26 -15.23 -12.43
CA TYR A 171 -14.03 -15.69 -11.30
C TYR A 171 -13.20 -16.34 -10.22
N GLU A 172 -12.31 -17.25 -10.61
CA GLU A 172 -11.60 -18.05 -9.59
C GLU A 172 -10.70 -17.19 -8.72
N ILE A 173 -10.03 -16.22 -9.33
CA ILE A 173 -9.17 -15.28 -8.58
C ILE A 173 -10.01 -14.46 -7.60
N LEU A 174 -11.16 -13.98 -8.05
CA LEU A 174 -11.98 -13.17 -7.18
C LEU A 174 -12.61 -14.01 -6.09
N ALA A 175 -13.09 -15.19 -6.45
CA ALA A 175 -13.73 -16.07 -5.47
C ALA A 175 -12.76 -16.42 -4.34
N LYS A 176 -11.54 -16.81 -4.70
CA LYS A 176 -10.54 -17.23 -3.70
C LYS A 176 -10.25 -16.09 -2.72
N ARG A 177 -9.94 -14.91 -3.27
CA ARG A 177 -9.55 -13.78 -2.40
C ARG A 177 -10.71 -13.18 -1.66
N LEU A 178 -11.88 -13.09 -2.29
CA LEU A 178 -13.03 -12.57 -1.58
C LEU A 178 -13.42 -13.46 -0.39
N ARG A 179 -13.35 -14.78 -0.55
CA ARG A 179 -13.59 -15.69 0.58
C ARG A 179 -12.60 -15.39 1.71
N GLU A 180 -11.33 -15.24 1.37
CA GLU A 180 -10.29 -14.92 2.38
C GLU A 180 -10.58 -13.58 3.07
N LEU A 181 -10.89 -12.55 2.29
CA LEU A 181 -11.19 -11.23 2.83
C LEU A 181 -12.39 -11.27 3.74
N SER A 182 -13.38 -12.09 3.41
CA SER A 182 -14.53 -12.21 4.28
C SER A 182 -14.18 -12.92 5.59
N PHE A 183 -13.26 -13.89 5.52
CA PHE A 183 -12.85 -14.56 6.75
C PHE A 183 -12.00 -13.62 7.60
N LEU A 184 -11.11 -12.88 6.95
CA LEU A 184 -10.16 -12.01 7.63
C LEU A 184 -10.85 -10.81 8.27
N ASN A 185 -12.02 -10.46 7.74
CA ASN A 185 -12.82 -9.36 8.25
C ASN A 185 -14.21 -9.88 8.58
N SER A 186 -14.25 -10.74 9.60
CA SER A 186 -15.42 -11.47 10.01
C SER A 186 -16.65 -10.58 10.20
N GLY A 187 -17.79 -11.02 9.67
CA GLY A 187 -19.06 -10.34 9.87
C GLY A 187 -19.69 -9.81 8.60
N VAL A 188 -18.85 -9.40 7.67
CA VAL A 188 -19.38 -8.87 6.43
C VAL A 188 -19.78 -9.99 5.46
N SER A 189 -20.88 -9.77 4.74
CA SER A 189 -21.36 -10.73 3.79
C SER A 189 -20.97 -10.23 2.41
N ILE A 190 -20.26 -11.06 1.66
CA ILE A 190 -19.84 -10.66 0.32
C ILE A 190 -20.48 -11.61 -0.67
N ARG A 191 -21.26 -11.08 -1.61
CA ARG A 191 -21.75 -11.93 -2.71
C ARG A 191 -20.92 -11.65 -3.96
N LEU A 192 -20.48 -12.70 -4.61
CA LEU A 192 -19.86 -12.58 -5.92
C LEU A 192 -20.86 -13.06 -6.95
N ARG A 193 -21.27 -12.15 -7.83
CA ARG A 193 -22.17 -12.47 -8.92
C ARG A 193 -21.38 -12.36 -10.22
N ASP A 194 -21.43 -13.40 -11.01
CA ASP A 194 -20.68 -13.37 -12.26
C ASP A 194 -21.70 -13.55 -13.38
N LYS A 195 -22.15 -12.43 -13.92
CA LYS A 195 -23.14 -12.41 -14.98
C LYS A 195 -22.57 -12.80 -16.34
N ARG A 196 -21.27 -12.60 -16.54
CA ARG A 196 -20.62 -13.01 -17.77
C ARG A 196 -20.66 -14.53 -17.89
N ASP A 197 -20.39 -15.20 -16.78
CA ASP A 197 -20.18 -16.66 -16.79
C ASP A 197 -21.28 -17.48 -16.15
N GLY A 198 -22.25 -16.81 -15.54
CA GLY A 198 -23.37 -17.49 -14.88
C GLY A 198 -22.94 -18.28 -13.69
N LYS A 199 -22.20 -17.62 -12.81
CA LYS A 199 -21.74 -18.24 -11.58
C LYS A 199 -22.02 -17.29 -10.42
N GLU A 200 -22.18 -17.85 -9.23
CA GLU A 200 -22.41 -17.04 -8.03
C GLU A 200 -21.83 -17.72 -6.80
N ASP A 201 -21.34 -16.94 -5.87
CA ASP A 201 -21.02 -17.48 -4.56
C ASP A 201 -21.30 -16.44 -3.51
N HIS A 202 -21.32 -16.87 -2.25
CA HIS A 202 -21.60 -15.98 -1.12
C HIS A 202 -20.63 -16.35 -0.03
N PHE A 203 -19.96 -15.33 0.50
CA PHE A 203 -18.96 -15.53 1.55
C PHE A 203 -19.38 -14.75 2.77
N HIS A 204 -19.35 -15.41 3.92
CA HIS A 204 -19.78 -14.75 5.15
C HIS A 204 -19.33 -15.59 6.29
N TYR A 205 -18.50 -14.99 7.15
CA TYR A 205 -18.00 -15.65 8.37
C TYR A 205 -18.40 -14.79 9.55
N GLU A 206 -18.48 -15.40 10.73
CA GLU A 206 -18.85 -14.67 11.94
C GLU A 206 -17.98 -15.13 13.11
N GLY B 2 8.96 16.28 -5.97
CA GLY B 2 10.16 15.59 -5.41
C GLY B 2 9.99 15.33 -3.93
N LEU B 3 11.11 15.24 -3.21
CA LEU B 3 11.05 15.01 -1.77
C LEU B 3 10.51 16.24 -1.03
N ASP B 4 10.57 17.40 -1.68
CA ASP B 4 10.02 18.63 -1.12
C ASP B 4 8.51 18.50 -0.87
N ALA B 5 7.81 17.87 -1.81
CA ALA B 5 6.38 17.62 -1.67
C ALA B 5 6.10 16.70 -0.50
N VAL B 6 6.98 15.72 -0.30
CA VAL B 6 6.85 14.78 0.81
C VAL B 6 7.02 15.50 2.15
N ARG B 7 8.04 16.35 2.27
CA ARG B 7 8.27 17.07 3.51
C ARG B 7 7.14 18.07 3.85
N LYS B 8 6.48 18.59 2.82
CA LYS B 8 5.40 19.57 2.96
C LYS B 8 4.12 18.92 3.48
N ARG B 9 3.81 17.74 2.95
CA ARG B 9 2.60 17.01 3.29
C ARG B 9 2.94 15.56 3.67
N PRO B 10 3.69 15.40 4.78
CA PRO B 10 4.19 14.07 5.12
C PRO B 10 3.13 13.01 5.36
N GLY B 11 2.01 13.38 6.00
CA GLY B 11 1.00 12.40 6.39
C GLY B 11 0.37 11.74 5.17
N MET B 12 0.29 12.50 4.08
CA MET B 12 -0.22 12.04 2.80
C MET B 12 0.58 10.85 2.26
N TYR B 13 1.87 10.83 2.56
CA TYR B 13 2.79 9.87 2.00
C TYR B 13 3.16 8.71 2.91
N ILE B 14 3.05 8.89 4.23
CA ILE B 14 3.53 7.88 5.17
C ILE B 14 2.49 7.49 6.22
N GLY B 15 1.43 8.30 6.35
CA GLY B 15 0.44 8.08 7.39
C GLY B 15 0.51 9.13 8.48
N ASP B 16 -0.53 9.16 9.30
CA ASP B 16 -0.70 10.16 10.34
C ASP B 16 0.59 10.39 11.13
N THR B 17 1.07 11.64 11.11
CA THR B 17 2.36 11.96 11.73
C THR B 17 2.24 12.33 13.19
N ASP B 18 1.02 12.31 13.72
CA ASP B 18 0.79 12.81 15.07
C ASP B 18 0.32 11.75 16.09
N ASP B 19 0.22 10.49 15.67
CA ASP B 19 -0.28 9.43 16.55
C ASP B 19 0.56 8.15 16.50
N GLY B 20 1.76 8.27 15.94
CA GLY B 20 2.64 7.11 15.83
C GLY B 20 2.42 6.23 14.61
N THR B 21 1.30 6.40 13.91
CA THR B 21 1.02 5.50 12.76
C THR B 21 2.05 5.66 11.64
N GLY B 22 2.21 6.88 11.16
CA GLY B 22 3.22 7.19 10.15
C GLY B 22 4.62 6.81 10.62
N LEU B 23 4.94 7.13 11.88
CA LEU B 23 6.28 6.82 12.42
C LEU B 23 6.63 5.33 12.27
N HIS B 24 5.68 4.46 12.60
CA HIS B 24 5.94 3.03 12.51
C HIS B 24 5.86 2.54 11.10
N HIS B 25 5.01 3.15 10.26
CA HIS B 25 5.07 2.87 8.82
C HIS B 25 6.43 3.09 8.24
N MET B 26 7.15 4.09 8.78
CA MET B 26 8.53 4.35 8.32
C MET B 26 9.35 3.06 8.43
N VAL B 27 9.28 2.40 9.59
CA VAL B 27 10.03 1.16 9.77
C VAL B 27 9.50 0.09 8.82
N PHE B 28 8.17 -0.02 8.71
CA PHE B 28 7.63 -1.11 7.92
C PHE B 28 7.94 -0.98 6.45
N GLU B 29 8.01 0.25 5.97
CA GLU B 29 8.39 0.47 4.58
C GLU B 29 9.82 -0.03 4.33
N VAL B 30 10.72 0.25 5.26
CA VAL B 30 12.10 -0.23 5.13
C VAL B 30 12.17 -1.77 5.22
N VAL B 31 11.46 -2.33 6.20
CA VAL B 31 11.31 -3.77 6.33
C VAL B 31 10.76 -4.39 5.04
N ASP B 32 9.78 -3.73 4.41
CA ASP B 32 9.23 -4.27 3.16
C ASP B 32 10.31 -4.43 2.10
N ASN B 33 11.22 -3.47 2.03
CA ASN B 33 12.33 -3.59 1.07
C ASN B 33 13.22 -4.79 1.37
N ALA B 34 13.47 -5.03 2.65
CA ALA B 34 14.29 -6.14 3.08
C ALA B 34 13.58 -7.48 2.82
N ILE B 35 12.27 -7.53 3.09
CA ILE B 35 11.52 -8.76 2.81
C ILE B 35 11.50 -9.07 1.32
N ASP B 36 11.36 -8.02 0.50
CA ASP B 36 11.37 -8.16 -0.96
C ASP B 36 12.65 -8.86 -1.39
N GLU B 37 13.77 -8.43 -0.81
CA GLU B 37 15.07 -9.00 -1.16
C GLU B 37 15.18 -10.44 -0.65
N ALA B 38 14.59 -10.72 0.52
CA ALA B 38 14.49 -12.07 1.06
C ALA B 38 13.69 -13.00 0.17
N LEU B 39 12.54 -12.52 -0.32
CA LEU B 39 11.66 -13.35 -1.15
C LEU B 39 12.26 -13.62 -2.52
N ALA B 40 13.18 -12.75 -2.94
CA ALA B 40 13.93 -12.94 -4.19
C ALA B 40 15.00 -14.03 -4.06
N GLY B 41 15.10 -14.60 -2.85
CA GLY B 41 15.93 -15.79 -2.58
C GLY B 41 17.35 -15.48 -2.17
N HIS B 42 17.63 -14.20 -1.94
CA HIS B 42 19.01 -13.73 -1.71
C HIS B 42 19.29 -13.44 -0.26
N CYS B 43 18.24 -13.07 0.46
CA CYS B 43 18.35 -12.76 1.86
C CYS B 43 17.70 -13.88 2.67
N LYS B 44 18.43 -14.40 3.66
CA LYS B 44 17.96 -15.49 4.52
C LYS B 44 17.64 -15.00 5.95
N GLU B 45 17.93 -13.74 6.22
CA GLU B 45 17.83 -13.21 7.57
C GLU B 45 17.68 -11.70 7.52
N ILE B 46 16.65 -11.17 8.21
CA ILE B 46 16.48 -9.71 8.35
C ILE B 46 16.55 -9.37 9.82
N ILE B 47 17.27 -8.30 10.16
CA ILE B 47 17.39 -7.89 11.54
C ILE B 47 16.89 -6.44 11.67
N VAL B 48 15.94 -6.24 12.58
CA VAL B 48 15.37 -4.90 12.85
C VAL B 48 15.80 -4.58 14.27
N THR B 49 16.41 -3.41 14.46
CA THR B 49 16.93 -3.07 15.77
C THR B 49 16.46 -1.69 16.19
N ILE B 50 15.89 -1.63 17.39
CA ILE B 50 15.56 -0.36 18.03
C ILE B 50 16.80 0.01 18.84
N HIS B 51 17.41 1.15 18.47
CA HIS B 51 18.61 1.64 19.17
C HIS B 51 18.17 2.65 20.18
N ALA B 52 19.06 2.95 21.13
CA ALA B 52 18.75 3.89 22.22
C ALA B 52 18.94 5.37 21.84
N ASP B 53 19.14 5.63 20.56
CA ASP B 53 19.37 6.99 20.04
C ASP B 53 18.25 7.47 19.11
N ASN B 54 17.07 6.90 19.27
CA ASN B 54 15.90 7.29 18.46
C ASN B 54 16.02 6.86 16.99
N SER B 55 16.84 5.84 16.72
CA SER B 55 16.89 5.25 15.40
C SER B 55 16.45 3.79 15.37
N VAL B 56 16.06 3.37 14.18
CA VAL B 56 15.84 1.95 13.94
C VAL B 56 16.69 1.61 12.74
N SER B 57 17.35 0.46 12.83
CA SER B 57 18.03 -0.09 11.66
C SER B 57 17.31 -1.35 11.17
N VAL B 58 17.38 -1.55 9.86
CA VAL B 58 16.90 -2.77 9.23
C VAL B 58 18.04 -3.26 8.37
N GLN B 59 18.42 -4.52 8.58
CA GLN B 59 19.55 -5.10 7.89
C GLN B 59 19.13 -6.37 7.19
N ASP B 60 19.56 -6.54 5.94
CA ASP B 60 19.41 -7.86 5.31
C ASP B 60 20.78 -8.35 4.85
N ASP B 61 20.82 -9.63 4.49
CA ASP B 61 22.07 -10.23 3.99
C ASP B 61 21.87 -10.68 2.54
N GLY B 62 21.13 -9.87 1.81
CA GLY B 62 20.88 -10.08 0.38
C GLY B 62 22.00 -9.52 -0.48
N ARG B 63 21.66 -9.12 -1.69
CA ARG B 63 22.66 -8.79 -2.67
C ARG B 63 23.41 -7.50 -2.39
N GLY B 64 22.80 -6.60 -1.63
CA GLY B 64 23.30 -5.24 -1.49
C GLY B 64 22.81 -4.39 -2.67
N ILE B 65 22.28 -3.20 -2.41
CA ILE B 65 21.86 -2.32 -3.51
C ILE B 65 23.09 -1.97 -4.35
N PRO B 66 22.98 -2.05 -5.69
CA PRO B 66 24.14 -1.71 -6.54
C PRO B 66 24.71 -0.33 -6.22
N THR B 67 26.02 -0.21 -6.23
CA THR B 67 26.70 1.01 -5.81
C THR B 67 27.44 1.78 -6.92
N GLY B 68 27.63 1.17 -8.09
CA GLY B 68 28.37 1.87 -9.16
C GLY B 68 27.59 3.05 -9.72
N VAL B 75 25.43 9.59 -10.19
CA VAL B 75 25.34 9.03 -8.83
C VAL B 75 25.09 7.52 -8.83
N SER B 76 25.38 6.89 -7.69
CA SER B 76 25.14 5.46 -7.52
C SER B 76 23.66 5.11 -7.68
N ALA B 77 23.39 3.89 -8.14
CA ALA B 77 22.03 3.38 -8.17
C ALA B 77 21.42 3.43 -6.77
N ALA B 78 22.24 3.17 -5.76
CA ALA B 78 21.80 3.26 -4.37
C ALA B 78 21.27 4.65 -4.02
N GLU B 79 22.02 5.68 -4.39
CA GLU B 79 21.56 7.04 -4.12
C GLU B 79 20.26 7.34 -4.85
N VAL B 80 20.14 6.88 -6.10
CA VAL B 80 18.89 7.08 -6.83
C VAL B 80 17.71 6.46 -6.09
N ILE B 81 17.86 5.22 -5.63
CA ILE B 81 16.84 4.53 -4.85
C ILE B 81 16.42 5.33 -3.61
N MET B 82 17.39 5.97 -2.97
CA MET B 82 17.14 6.69 -1.72
CA MET B 82 17.12 6.66 -1.72
C MET B 82 16.54 8.06 -1.91
N THR B 83 16.69 8.62 -3.11
CA THR B 83 16.41 10.07 -3.29
C THR B 83 15.38 10.46 -4.34
N VAL B 84 15.03 9.53 -5.22
CA VAL B 84 14.10 9.87 -6.29
C VAL B 84 12.72 9.34 -5.93
N LEU B 85 11.76 10.26 -5.83
CA LEU B 85 10.37 9.93 -5.52
C LEU B 85 9.71 9.13 -6.65
N ASP B 93 9.84 -2.31 -9.25
CA ASP B 93 9.11 -1.39 -8.37
C ASP B 93 7.81 -2.01 -7.85
N ASN B 94 7.55 -3.24 -8.25
CA ASN B 94 6.36 -3.97 -7.79
C ASN B 94 6.35 -4.11 -6.28
N SER B 95 5.38 -3.46 -5.64
CA SER B 95 5.25 -3.48 -4.19
C SER B 95 4.38 -4.63 -3.71
N TYR B 96 4.02 -5.55 -4.62
CA TYR B 96 3.10 -6.63 -4.25
C TYR B 96 3.74 -8.01 -4.08
N LYS B 97 5.07 -8.05 -4.13
CA LYS B 97 5.77 -9.30 -3.85
C LYS B 97 5.70 -9.62 -2.35
N VAL B 98 5.66 -8.56 -1.53
CA VAL B 98 5.60 -8.71 -0.08
C VAL B 98 4.14 -8.73 0.38
N SER B 99 3.70 -9.87 0.91
CA SER B 99 2.35 -10.01 1.44
C SER B 99 2.25 -9.11 2.64
N GLY B 100 1.23 -8.26 2.69
CA GLY B 100 1.07 -7.32 3.79
C GLY B 100 1.93 -6.09 3.62
N GLY B 101 2.59 -5.97 2.47
CA GLY B 101 3.48 -4.83 2.23
C GLY B 101 2.71 -3.54 2.01
N LEU B 102 3.33 -2.43 2.38
CA LEU B 102 2.82 -1.12 2.05
C LEU B 102 2.93 -0.85 0.55
N HIS B 103 1.93 -0.17 0.01
CA HIS B 103 1.93 0.16 -1.41
C HIS B 103 1.90 1.66 -1.56
N GLY B 104 2.34 2.13 -2.73
CA GLY B 104 2.26 3.56 -3.04
C GLY B 104 3.25 4.39 -2.26
N VAL B 105 4.31 3.74 -1.78
CA VAL B 105 5.39 4.43 -1.06
C VAL B 105 6.66 3.65 -1.36
N GLY B 106 7.76 4.37 -1.43
CA GLY B 106 9.07 3.76 -1.59
C GLY B 106 9.93 4.25 -0.44
N VAL B 107 11.15 3.72 -0.35
CA VAL B 107 12.07 4.10 0.71
C VAL B 107 12.50 5.57 0.64
N SER B 108 12.40 6.19 -0.54
CA SER B 108 12.74 7.62 -0.64
C SER B 108 11.83 8.49 0.22
N VAL B 109 10.60 8.05 0.46
CA VAL B 109 9.70 8.74 1.38
C VAL B 109 10.23 8.69 2.82
N VAL B 110 10.74 7.52 3.23
CA VAL B 110 11.33 7.35 4.56
C VAL B 110 12.54 8.26 4.66
N ASN B 111 13.37 8.27 3.62
CA ASN B 111 14.51 9.17 3.57
C ASN B 111 14.10 10.66 3.72
N ALA B 112 13.11 11.11 2.93
CA ALA B 112 12.65 12.50 3.00
C ALA B 112 12.22 12.92 4.40
N LEU B 113 11.67 11.95 5.14
CA LEU B 113 11.04 12.21 6.44
C LEU B 113 11.92 11.77 7.60
N SER B 114 13.21 11.55 7.31
CA SER B 114 14.20 11.27 8.33
C SER B 114 15.10 12.46 8.54
N GLN B 115 15.29 12.84 9.81
CA GLN B 115 16.32 13.82 10.19
C GLN B 115 17.70 13.36 9.69
N LYS B 116 17.98 12.06 9.84
CA LYS B 116 19.21 11.48 9.30
C LYS B 116 18.88 10.09 8.83
N LEU B 117 19.45 9.72 7.69
CA LEU B 117 19.36 8.32 7.26
C LEU B 117 20.73 7.84 6.84
N GLU B 118 21.05 6.63 7.26
CA GLU B 118 22.33 6.01 6.97
C GLU B 118 22.10 4.77 6.16
N LEU B 119 22.82 4.69 5.03
CA LEU B 119 22.78 3.55 4.14
C LEU B 119 24.17 2.91 4.17
N VAL B 120 24.22 1.64 4.52
CA VAL B 120 25.47 0.87 4.51
C VAL B 120 25.23 -0.37 3.67
N ILE B 121 26.04 -0.52 2.62
CA ILE B 121 25.87 -1.63 1.68
C ILE B 121 27.14 -2.47 1.67
N GLN B 122 26.96 -3.77 1.83
CA GLN B 122 28.07 -4.75 1.68
C GLN B 122 27.88 -5.45 0.34
N ARG B 123 28.84 -5.27 -0.56
CA ARG B 123 28.67 -5.76 -1.94
C ARG B 123 30.02 -5.80 -2.64
N GLU B 124 30.28 -6.89 -3.37
CA GLU B 124 31.47 -6.98 -4.21
C GLU B 124 32.76 -6.70 -3.43
N GLY B 125 32.75 -7.11 -2.17
CA GLY B 125 33.97 -7.05 -1.36
C GLY B 125 34.17 -5.77 -0.57
N LYS B 126 33.31 -4.78 -0.76
CA LYS B 126 33.50 -3.52 -0.07
C LYS B 126 32.28 -3.16 0.72
N ILE B 127 32.52 -2.37 1.77
CA ILE B 127 31.44 -1.71 2.49
C ILE B 127 31.34 -0.27 1.95
N HIS B 128 30.12 0.17 1.67
CA HIS B 128 29.86 1.52 1.21
C HIS B 128 28.89 2.18 2.12
N ARG B 129 29.05 3.49 2.33
CA ARG B 129 28.13 4.22 3.19
C ARG B 129 27.74 5.56 2.61
N GLN B 130 26.50 5.96 2.83
CA GLN B 130 26.07 7.32 2.50
C GLN B 130 25.12 7.78 3.60
N ILE B 131 25.25 9.04 3.96
CA ILE B 131 24.36 9.67 4.91
C ILE B 131 23.52 10.73 4.22
N TYR B 132 22.25 10.84 4.62
CA TYR B 132 21.37 11.90 4.17
C TYR B 132 20.79 12.60 5.37
N GLU B 133 20.36 13.84 5.15
CA GLU B 133 19.58 14.56 6.14
C GLU B 133 18.38 15.13 5.42
N HIS B 134 17.20 14.81 5.94
CA HIS B 134 15.94 15.18 5.28
C HIS B 134 15.94 14.83 3.81
N GLY B 135 16.54 13.68 3.48
CA GLY B 135 16.54 13.15 2.11
C GLY B 135 17.62 13.73 1.21
N VAL B 136 18.43 14.62 1.76
CA VAL B 136 19.52 15.27 1.01
C VAL B 136 20.86 14.62 1.38
N PRO B 137 21.62 14.12 0.38
CA PRO B 137 22.89 13.46 0.77
C PRO B 137 23.89 14.45 1.38
N GLN B 138 24.71 13.97 2.32
CA GLN B 138 25.79 14.78 2.86
C GLN B 138 26.99 14.76 1.94
N ALA B 139 27.22 13.61 1.30
CA ALA B 139 28.38 13.39 0.45
C ALA B 139 28.08 12.22 -0.48
N PRO B 140 28.81 12.10 -1.61
CA PRO B 140 28.65 10.90 -2.44
C PRO B 140 28.93 9.61 -1.67
N LEU B 141 28.25 8.53 -2.04
CA LEU B 141 28.48 7.21 -1.46
C LEU B 141 29.96 6.91 -1.48
N ALA B 142 30.48 6.36 -0.39
CA ALA B 142 31.92 6.24 -0.20
C ALA B 142 32.24 4.87 0.36
N VAL B 143 33.46 4.40 0.11
CA VAL B 143 33.90 3.11 0.63
C VAL B 143 34.35 3.31 2.07
N THR B 144 33.93 2.41 2.94
CA THR B 144 34.21 2.48 4.36
C THR B 144 34.72 1.15 4.94
N GLY B 145 35.07 0.20 4.09
CA GLY B 145 35.67 -1.03 4.59
C GLY B 145 35.68 -2.13 3.56
N GLU B 146 36.10 -3.31 3.98
CA GLU B 146 36.10 -4.48 3.12
C GLU B 146 35.29 -5.57 3.80
N THR B 147 34.68 -6.44 3.01
CA THR B 147 33.87 -7.49 3.60
C THR B 147 33.69 -8.59 2.58
N GLU B 148 33.53 -9.81 3.07
CA GLU B 148 33.13 -10.92 2.22
C GLU B 148 31.61 -11.12 2.30
N LYS B 149 30.95 -10.35 3.18
CA LYS B 149 29.50 -10.46 3.34
C LYS B 149 28.77 -9.57 2.33
N THR B 150 27.46 -9.82 2.19
CA THR B 150 26.63 -8.97 1.35
C THR B 150 25.35 -8.56 2.06
N GLY B 151 24.80 -7.44 1.62
CA GLY B 151 23.48 -6.98 2.08
C GLY B 151 23.35 -5.48 2.21
N THR B 152 22.17 -5.07 2.67
CA THR B 152 21.83 -3.67 2.80
C THR B 152 21.38 -3.38 4.22
N MET B 153 21.84 -2.26 4.73
CA MET B 153 21.47 -1.80 6.06
C MET B 153 21.00 -0.37 5.92
N VAL B 154 19.76 -0.12 6.33
CA VAL B 154 19.27 1.25 6.46
C VAL B 154 18.97 1.55 7.90
N ARG B 155 19.52 2.66 8.41
CA ARG B 155 19.25 3.12 9.77
C ARG B 155 18.77 4.55 9.65
N PHE B 156 17.68 4.87 10.35
CA PHE B 156 17.16 6.21 10.21
C PHE B 156 16.69 6.76 11.53
N TRP B 157 16.75 8.07 11.61
CA TRP B 157 16.29 8.86 12.76
C TRP B 157 15.17 9.71 12.25
N PRO B 158 13.94 9.55 12.81
CA PRO B 158 12.80 10.23 12.21
C PRO B 158 12.91 11.74 12.37
N SER B 159 12.40 12.47 11.38
CA SER B 159 12.34 13.92 11.46
C SER B 159 11.46 14.38 12.60
N LEU B 160 12.02 15.22 13.47
CA LEU B 160 11.25 15.75 14.60
C LEU B 160 10.44 16.99 14.21
N GLU B 161 10.67 17.53 13.02
CA GLU B 161 9.77 18.53 12.44
C GLU B 161 8.48 17.82 11.98
N THR B 162 8.65 16.61 11.46
CA THR B 162 7.54 15.85 10.88
C THR B 162 6.65 15.14 11.90
N PHE B 163 7.30 14.35 12.76
CA PHE B 163 6.56 13.49 13.68
C PHE B 163 6.40 14.09 15.06
N THR B 164 5.17 14.04 15.57
CA THR B 164 4.86 14.60 16.88
C THR B 164 4.12 13.58 17.75
N ASN B 165 4.20 13.82 19.07
CA ASN B 165 3.48 13.08 20.10
C ASN B 165 4.04 11.71 20.36
N VAL B 166 4.08 10.88 19.32
CA VAL B 166 4.79 9.62 19.34
C VAL B 166 5.98 9.78 18.41
N THR B 167 7.16 9.98 18.98
CA THR B 167 8.35 10.23 18.18
C THR B 167 9.39 9.13 18.39
N GLU B 168 9.05 8.14 19.21
CA GLU B 168 9.94 7.02 19.53
C GLU B 168 9.29 5.71 19.10
N PHE B 169 10.13 4.78 18.64
CA PHE B 169 9.64 3.51 18.16
C PHE B 169 9.27 2.60 19.31
N GLU B 170 8.16 1.90 19.15
CA GLU B 170 7.60 1.09 20.23
C GLU B 170 7.68 -0.40 19.92
N TYR B 171 8.30 -1.12 20.84
CA TYR B 171 8.57 -2.56 20.70
C TYR B 171 7.31 -3.33 20.35
N GLU B 172 6.24 -3.10 21.10
CA GLU B 172 5.00 -3.86 20.90
C GLU B 172 4.45 -3.66 19.49
N ILE B 173 4.45 -2.42 19.00
CA ILE B 173 3.95 -2.17 17.64
C ILE B 173 4.82 -2.89 16.61
N LEU B 174 6.15 -2.77 16.76
CA LEU B 174 7.05 -3.45 15.83
C LEU B 174 6.93 -4.96 15.94
N ALA B 175 6.93 -5.52 17.17
CA ALA B 175 6.85 -6.96 17.33
C ALA B 175 5.56 -7.53 16.74
N LYS B 176 4.43 -6.86 17.00
CA LYS B 176 3.15 -7.37 16.51
C LYS B 176 3.17 -7.41 14.97
N ARG B 177 3.63 -6.33 14.34
CA ARG B 177 3.59 -6.29 12.88
C ARG B 177 4.64 -7.19 12.26
N LEU B 178 5.83 -7.27 12.85
CA LEU B 178 6.86 -8.11 12.26
C LEU B 178 6.47 -9.59 12.36
N ARG B 179 5.85 -9.99 13.47
CA ARG B 179 5.30 -11.34 13.58
C ARG B 179 4.31 -11.57 12.45
N GLU B 180 3.39 -10.61 12.24
CA GLU B 180 2.36 -10.76 11.19
C GLU B 180 3.00 -10.88 9.81
N LEU B 181 4.00 -10.05 9.54
CA LEU B 181 4.68 -10.09 8.25
C LEU B 181 5.43 -11.41 8.06
N SER B 182 6.00 -11.95 9.14
CA SER B 182 6.66 -13.24 9.03
C SER B 182 5.66 -14.35 8.70
N PHE B 183 4.43 -14.24 9.21
CA PHE B 183 3.42 -15.24 8.94
C PHE B 183 2.94 -15.11 7.51
N LEU B 184 2.69 -13.87 7.09
CA LEU B 184 2.19 -13.60 5.73
C LEU B 184 3.21 -13.95 4.67
N ASN B 185 4.49 -13.89 5.03
CA ASN B 185 5.57 -14.19 4.12
C ASN B 185 6.34 -15.38 4.68
N SER B 186 5.66 -16.52 4.74
CA SER B 186 6.23 -17.69 5.40
C SER B 186 7.63 -18.03 4.85
N GLY B 187 8.53 -18.38 5.76
CA GLY B 187 9.90 -18.72 5.38
C GLY B 187 10.89 -17.61 5.64
N VAL B 188 10.42 -16.35 5.71
CA VAL B 188 11.30 -15.21 5.96
C VAL B 188 11.58 -15.15 7.46
N SER B 189 12.85 -15.02 7.81
CA SER B 189 13.27 -14.98 9.21
C SER B 189 13.55 -13.54 9.60
N ILE B 190 12.83 -13.03 10.59
CA ILE B 190 13.03 -11.65 11.04
C ILE B 190 13.42 -11.65 12.50
N ARG B 191 14.54 -11.00 12.82
CA ARG B 191 14.90 -10.82 14.23
C ARG B 191 14.62 -9.38 14.61
N LEU B 192 13.96 -9.20 15.75
CA LEU B 192 13.82 -7.87 16.34
C LEU B 192 14.69 -7.77 17.57
N ARG B 193 15.61 -6.80 17.56
CA ARG B 193 16.49 -6.57 18.69
C ARG B 193 16.18 -5.19 19.22
N ASP B 194 15.99 -5.08 20.53
CA ASP B 194 15.64 -3.79 21.10
C ASP B 194 16.69 -3.46 22.15
N LYS B 195 17.66 -2.65 21.75
CA LYS B 195 18.79 -2.31 22.60
C LYS B 195 18.41 -1.28 23.64
N ARG B 196 17.37 -0.50 23.35
CA ARG B 196 16.89 0.48 24.29
C ARG B 196 16.26 -0.21 25.50
N ASP B 197 15.46 -1.25 25.25
CA ASP B 197 14.61 -1.83 26.29
C ASP B 197 15.08 -3.20 26.77
N GLY B 198 16.10 -3.76 26.13
CA GLY B 198 16.64 -5.07 26.50
C GLY B 198 15.69 -6.21 26.16
N LYS B 199 15.13 -6.19 24.95
CA LYS B 199 14.17 -7.19 24.51
C LYS B 199 14.56 -7.69 23.13
N GLU B 200 14.19 -8.93 22.82
CA GLU B 200 14.51 -9.52 21.52
C GLU B 200 13.46 -10.55 21.18
N ASP B 201 13.17 -10.68 19.88
CA ASP B 201 12.26 -11.69 19.39
C ASP B 201 12.74 -12.20 18.05
N HIS B 202 12.36 -13.42 17.73
CA HIS B 202 12.63 -14.00 16.43
C HIS B 202 11.31 -14.45 15.85
N PHE B 203 11.03 -14.02 14.62
CA PHE B 203 9.80 -14.39 13.95
C PHE B 203 10.12 -15.22 12.72
N HIS B 204 9.52 -16.40 12.62
CA HIS B 204 9.80 -17.29 11.51
C HIS B 204 8.78 -18.40 11.52
N TYR B 205 8.00 -18.47 10.45
CA TYR B 205 6.99 -19.51 10.24
C TYR B 205 7.30 -20.30 8.97
S SO4 C . -23.28 15.16 2.54
O1 SO4 C . -22.99 14.64 3.88
O2 SO4 C . -22.09 15.87 2.05
O3 SO4 C . -23.60 14.07 1.59
O4 SO4 C . -24.49 16.02 2.61
S SO4 D . -2.55 -7.53 6.69
O1 SO4 D . -2.09 -7.87 8.05
O2 SO4 D . -1.52 -6.75 5.97
O3 SO4 D . -2.88 -8.77 5.93
O4 SO4 D . -3.73 -6.66 6.80
F30 DOO E . -14.22 3.35 -3.53
C6 DOO E . -15.16 3.16 -2.58
C1 DOO E . -16.04 2.09 -2.73
C5 DOO E . -15.26 4.08 -1.52
C4 DOO E . -16.26 3.84 -0.60
C7 DOO E . -16.71 4.52 0.61
C13 DOO E . -16.30 5.72 1.37
N22 DOO E . -15.16 6.45 1.22
C26 DOO E . -14.90 7.62 2.05
C25 DOO E . -13.56 7.16 2.66
C27 DOO E . -13.67 6.55 4.05
C28 DOO E . -12.78 5.29 4.05
N29 DOO E . -12.69 4.93 2.63
C24 DOO E . -12.96 6.08 1.75
C23 DOO E . -13.97 5.84 0.62
N12 DOO E . -17.04 5.98 2.47
C11 DOO E . -18.11 5.23 2.80
N10 DOO E . -18.54 4.16 2.16
C8 DOO E . -17.88 3.78 1.08
N9 DOO E . -18.10 2.76 0.29
C3 DOO E . -17.22 2.75 -0.73
C2 DOO E . -17.09 1.84 -1.85
N31 DOO E . -17.97 0.83 -1.93
C32 DOO E . -18.07 -0.01 -3.12
O14 DOO E . -18.90 5.53 3.84
C15 DOO E . -18.69 6.64 4.62
C20 DOO E . -17.51 6.66 5.34
N19 DOO E . -17.29 7.69 6.15
C18 DOO E . -18.20 8.68 6.26
C21 DOO E . -17.86 9.81 7.20
N17 DOO E . -19.36 8.67 5.57
C16 DOO E . -19.63 7.64 4.73
S SO4 F . 27.46 -2.49 -8.92
O1 SO4 F . 27.40 -2.50 -7.44
O2 SO4 F . 28.83 -2.80 -9.35
O3 SO4 F . 26.54 -3.49 -9.45
O4 SO4 F . 27.03 -1.18 -9.47
F30 DOO G . 15.45 0.59 1.72
C6 DOO G . 15.96 -0.61 1.49
C1 DOO G . 16.31 -1.37 2.59
C5 DOO G . 16.14 -1.00 0.14
C4 DOO G . 16.73 -2.24 -0.09
C7 DOO G . 17.12 -3.04 -1.26
C13 DOO G . 17.08 -2.87 -2.74
N22 DOO G . 16.40 -1.88 -3.42
C26 DOO G . 16.42 -1.71 -4.86
C25 DOO G . 14.91 -1.77 -5.17
C27 DOO G . 14.46 -3.17 -5.57
C28 DOO G . 13.14 -3.45 -4.85
N29 DOO G . 13.18 -2.53 -3.70
C24 DOO G . 14.14 -1.43 -3.91
C23 DOO G . 15.21 -1.26 -2.82
N12 DOO G . 17.59 -3.89 -3.45
C11 DOO G . 18.13 -4.98 -2.87
N10 DOO G . 18.18 -5.21 -1.55
C8 DOO G . 17.72 -4.27 -0.74
N9 DOO G . 17.66 -4.23 0.59
C3 DOO G . 17.12 -3.08 1.04
C2 DOO G . 16.90 -2.62 2.41
N31 DOO G . 17.28 -3.45 3.39
C32 DOO G . 17.16 -3.03 4.77
O14 DOO G . 18.69 -5.97 -3.59
C15 DOO G . 18.82 -5.89 -4.95
C20 DOO G . 20.06 -5.90 -5.60
N19 DOO G . 20.07 -5.84 -6.95
C18 DOO G . 18.90 -5.78 -7.64
C21 DOO G . 18.89 -5.74 -9.17
N17 DOO G . 17.70 -5.80 -7.01
C16 DOO G . 17.64 -5.84 -5.68
#